data_7DE2
#
_entry.id   7DE2
#
_cell.length_a   157.286
_cell.length_b   48.337
_cell.length_c   79.638
_cell.angle_alpha   90.000
_cell.angle_beta   101.039
_cell.angle_gamma   90.000
#
_symmetry.space_group_name_H-M   'C 1 2 1'
#
loop_
_entity.id
_entity.type
_entity.pdbx_description
1 polymer NvfI
2 non-polymer '2-OXOGLUTARIC ACID'
3 non-polymer "methyl (3'~{a}~{R},4'~{S},5'~{S},5~{a}~{S},6~{S},7~{S},9~{a}~{R})-1,1,3'~{a},4',5~{a},7,7'-heptamethyl-3,6'-bis(oxidanylidene)spiro[4,5,7,8,9,9~{a}-hexahydrobenzo[c]oxepine-6,2'-4,5-dihydro-3~{H}-1-benzofuran]-5'-carboxylate"
4 non-polymer 'FE (III) ION'
5 water water
#
_entity_poly.entity_id   1
_entity_poly.type   'polypeptide(L)'
_entity_poly.pdbx_seq_one_letter_code
;MGSSHHHHHHSSGLVPRGSHMVGSRTWCESEMLFVQPDAGTKEELYYRVTPKPGQTQANFNWTPHKVRFHDARPQRDSFD
LNTHGFTFVEDAISPQLIERIRADDTAAVEGDYFASVAALVKRVTGADHVVCFSPYTRKENSEKGIFGQPARTVHCDHTP
AAAIELTHKLCGEDAVRLLQSRFRAFSVWRPLVEPVLDWPLAVVDGRTIAPDDLHPVHWLRYEKKDTEPPFQLSFSETQK
WYYLSRQRSDEVSIVKNYDSEVVPSPRSAHCAFKHPFVPKDAPPRESIDVRCLVFGGR
;
_entity_poly.pdbx_strand_id   A,B
#
# COMPACT_ATOMS: atom_id res chain seq x y z
N VAL A 22 8.75 -18.55 -1.15
CA VAL A 22 8.55 -17.40 -0.22
C VAL A 22 7.24 -16.72 -0.61
N GLY A 23 6.94 -16.79 -1.90
CA GLY A 23 5.73 -16.13 -2.37
C GLY A 23 5.28 -16.59 -3.73
N SER A 24 4.00 -16.42 -3.99
CA SER A 24 3.46 -16.70 -5.30
C SER A 24 2.43 -15.62 -5.61
N ARG A 25 1.65 -15.84 -6.66
CA ARG A 25 0.70 -14.83 -7.12
C ARG A 25 -0.33 -14.49 -6.05
N THR A 26 -0.76 -15.49 -5.24
CA THR A 26 -1.86 -15.22 -4.31
C THR A 26 -1.55 -15.64 -2.88
N TRP A 27 -0.27 -15.77 -2.52
CA TRP A 27 0.08 -16.04 -1.13
C TRP A 27 1.53 -15.63 -0.87
N CYS A 28 1.86 -15.42 0.40
CA CYS A 28 3.25 -15.17 0.76
C CYS A 28 3.52 -15.82 2.12
N GLU A 29 4.79 -15.90 2.52
CA GLU A 29 5.11 -16.57 3.77
C GLU A 29 5.83 -15.60 4.70
N SER A 30 5.51 -15.68 5.99
CA SER A 30 6.17 -14.86 7.01
C SER A 30 6.05 -15.58 8.35
N GLU A 31 6.11 -14.82 9.45
CA GLU A 31 6.08 -15.42 10.79
C GLU A 31 5.17 -14.60 11.68
N MET A 32 4.63 -15.24 12.72
CA MET A 32 3.91 -14.55 13.77
C MET A 32 4.28 -15.22 15.09
N LEU A 33 3.95 -14.56 16.20
CA LEU A 33 4.29 -15.04 17.54
C LEU A 33 3.10 -15.79 18.13
N PHE A 34 3.28 -17.05 18.43
CA PHE A 34 2.26 -17.89 19.04
C PHE A 34 2.67 -18.22 20.48
N VAL A 35 1.81 -18.93 21.19
CA VAL A 35 2.21 -19.62 22.43
C VAL A 35 2.44 -21.09 22.13
N GLN A 36 3.02 -21.82 23.09
CA GLN A 36 3.23 -23.24 22.92
C GLN A 36 1.89 -24.01 22.99
N PRO A 37 1.76 -25.11 22.25
CA PRO A 37 0.47 -25.85 22.28
C PRO A 37 0.11 -26.36 23.65
N ASP A 38 1.11 -26.53 24.50
CA ASP A 38 1.02 -27.08 25.83
C ASP A 38 0.96 -25.99 26.91
N ALA A 39 0.81 -24.75 26.49
CA ALA A 39 0.84 -23.65 27.48
C ALA A 39 -0.47 -23.59 28.27
N GLY A 40 -0.40 -23.38 29.58
CA GLY A 40 -1.63 -23.22 30.36
C GLY A 40 -2.22 -24.52 30.85
N THR A 41 -1.51 -25.62 30.64
CA THR A 41 -1.98 -26.94 31.17
C THR A 41 -1.67 -26.97 32.67
N LYS A 42 -0.74 -26.12 33.12
CA LYS A 42 -0.37 -26.06 34.56
C LYS A 42 -1.21 -24.98 35.24
N GLU A 43 -0.68 -23.76 35.38
CA GLU A 43 -1.40 -22.67 36.07
C GLU A 43 -1.90 -21.65 35.04
N GLU A 44 -2.59 -20.60 35.49
CA GLU A 44 -3.10 -19.56 34.58
C GLU A 44 -1.91 -18.80 33.97
N LEU A 45 -1.96 -18.61 32.67
CA LEU A 45 -0.90 -17.86 31.98
C LEU A 45 -1.10 -16.36 32.21
N TYR A 46 0.00 -15.65 32.40
CA TYR A 46 -0.05 -14.21 32.54
C TYR A 46 1.16 -13.61 31.83
N TYR A 47 1.00 -12.36 31.41
CA TYR A 47 2.04 -11.59 30.73
C TYR A 47 1.95 -10.16 31.25
N ARG A 48 3.02 -9.68 31.88
CA ARG A 48 3.08 -8.32 32.37
C ARG A 48 3.53 -7.37 31.28
N VAL A 49 2.74 -6.33 31.03
CA VAL A 49 3.05 -5.41 29.94
C VAL A 49 4.32 -4.64 30.24
N THR A 50 4.45 -4.14 31.47
CA THR A 50 5.58 -3.32 31.88
C THR A 50 6.07 -3.85 33.23
N PRO A 51 6.83 -4.95 33.22
CA PRO A 51 7.27 -5.51 34.49
C PRO A 51 8.35 -4.65 35.14
N LYS A 52 8.32 -4.59 36.46
CA LYS A 52 9.32 -3.87 37.22
C LYS A 52 10.61 -4.67 37.24
N PRO A 53 11.75 -4.02 37.45
CA PRO A 53 13.01 -4.77 37.64
C PRO A 53 12.87 -5.84 38.72
N GLY A 54 13.32 -7.05 38.40
CA GLY A 54 13.21 -8.15 39.31
C GLY A 54 11.88 -8.90 39.29
N GLN A 55 10.86 -8.34 38.67
CA GLN A 55 9.56 -9.00 38.55
C GLN A 55 9.58 -9.97 37.38
N THR A 56 8.97 -11.14 37.56
CA THR A 56 8.85 -12.10 36.46
C THR A 56 7.80 -11.61 35.47
N GLN A 57 8.17 -11.58 34.17
CA GLN A 57 7.25 -10.99 33.21
C GLN A 57 6.11 -11.93 32.82
N ALA A 58 6.38 -13.23 32.74
CA ALA A 58 5.37 -14.16 32.28
C ALA A 58 5.78 -15.57 32.70
N ASN A 59 4.80 -16.48 32.69
CA ASN A 59 5.06 -17.90 32.90
C ASN A 59 4.95 -18.72 31.61
N PHE A 60 5.28 -18.10 30.48
CA PHE A 60 5.31 -18.77 29.17
C PHE A 60 6.14 -17.91 28.24
N ASN A 61 6.62 -18.51 27.16
CA ASN A 61 7.35 -17.78 26.12
C ASN A 61 6.55 -17.73 24.83
N TRP A 62 6.66 -16.60 24.14
CA TRP A 62 6.20 -16.49 22.77
C TRP A 62 7.12 -17.32 21.86
N THR A 63 6.52 -17.96 20.86
CA THR A 63 7.27 -18.80 19.93
C THR A 63 6.90 -18.43 18.51
N PRO A 64 7.83 -17.90 17.71
CA PRO A 64 7.51 -17.59 16.32
C PRO A 64 7.32 -18.87 15.51
N HIS A 65 6.46 -18.76 14.50
CA HIS A 65 6.26 -19.88 13.59
C HIS A 65 6.00 -19.32 12.20
N LYS A 66 6.61 -19.96 11.18
CA LYS A 66 6.35 -19.57 9.80
C LYS A 66 4.90 -19.88 9.46
N VAL A 67 4.28 -19.01 8.69
CA VAL A 67 2.87 -19.12 8.32
C VAL A 67 2.75 -18.74 6.86
N ARG A 68 1.87 -19.43 6.14
CA ARG A 68 1.54 -19.06 4.77
C ARG A 68 0.29 -18.19 4.79
N PHE A 69 0.41 -16.97 4.27
CA PHE A 69 -0.69 -16.01 4.24
C PHE A 69 -1.31 -16.00 2.86
N HIS A 70 -2.56 -16.45 2.77
CA HIS A 70 -3.27 -16.46 1.49
C HIS A 70 -3.90 -15.10 1.27
N ASP A 71 -3.65 -14.52 0.09
CA ASP A 71 -4.24 -13.23 -0.25
C ASP A 71 -5.75 -13.36 -0.39
N ALA A 72 -6.49 -12.59 0.39
CA ALA A 72 -7.94 -12.59 0.25
C ALA A 72 -8.42 -11.77 -0.94
N ARG A 73 -7.55 -10.99 -1.58
CA ARG A 73 -7.98 -10.07 -2.62
C ARG A 73 -8.75 -10.75 -3.74
N PRO A 74 -8.31 -11.89 -4.31
CA PRO A 74 -9.05 -12.49 -5.43
C PRO A 74 -10.45 -12.97 -5.07
N GLN A 75 -10.70 -13.28 -3.80
CA GLN A 75 -11.99 -13.77 -3.34
C GLN A 75 -12.59 -12.84 -2.27
N ARG A 76 -12.26 -11.54 -2.33
CA ARG A 76 -12.51 -10.63 -1.20
C ARG A 76 -13.96 -10.70 -0.70
N ASP A 77 -14.93 -10.68 -1.61
CA ASP A 77 -16.35 -10.57 -1.21
C ASP A 77 -16.92 -11.88 -0.69
N SER A 78 -16.18 -12.97 -0.79
CA SER A 78 -16.69 -14.27 -0.39
C SER A 78 -16.60 -14.52 1.12
N PHE A 79 -15.76 -13.79 1.84
CA PHE A 79 -15.55 -14.13 3.24
C PHE A 79 -16.69 -13.59 4.09
N ASP A 80 -17.13 -14.42 5.03
CA ASP A 80 -18.39 -14.23 5.74
C ASP A 80 -18.16 -14.42 7.25
N LEU A 81 -18.84 -13.60 8.06
CA LEU A 81 -18.63 -13.63 9.51
C LEU A 81 -19.12 -14.92 10.15
N ASN A 82 -20.15 -15.56 9.56
CA ASN A 82 -20.63 -16.84 10.07
C ASN A 82 -19.73 -17.99 9.63
N THR A 83 -19.39 -18.01 8.34
CA THR A 83 -18.61 -19.12 7.78
C THR A 83 -17.15 -19.07 8.22
N HIS A 84 -16.51 -17.90 8.07
CA HIS A 84 -15.08 -17.73 8.28
C HIS A 84 -14.71 -16.98 9.55
N GLY A 85 -15.64 -16.22 10.13
CA GLY A 85 -15.34 -15.40 11.30
C GLY A 85 -14.74 -14.05 10.98
N PHE A 86 -14.69 -13.67 9.71
CA PHE A 86 -14.22 -12.35 9.32
C PHE A 86 -14.84 -11.98 7.99
N THR A 87 -14.84 -10.70 7.67
CA THR A 87 -15.36 -10.26 6.38
C THR A 87 -14.75 -8.90 6.11
N PHE A 88 -14.73 -8.51 4.84
CA PHE A 88 -14.20 -7.21 4.42
C PHE A 88 -15.34 -6.43 3.79
N VAL A 89 -15.47 -5.15 4.15
CA VAL A 89 -16.62 -4.39 3.66
C VAL A 89 -16.14 -3.02 3.19
N GLU A 90 -16.71 -2.54 2.06
CA GLU A 90 -16.41 -1.22 1.56
C GLU A 90 -17.19 -0.18 2.37
N ASP A 91 -16.48 0.84 2.87
CA ASP A 91 -17.12 1.92 3.62
C ASP A 91 -16.17 3.11 3.60
N ALA A 92 -16.47 4.09 2.77
CA ALA A 92 -15.60 5.26 2.68
C ALA A 92 -15.93 6.22 3.80
N ILE A 93 -14.90 6.82 4.38
CA ILE A 93 -15.09 7.92 5.31
C ILE A 93 -14.27 9.11 4.83
N SER A 94 -14.61 10.28 5.35
CA SER A 94 -14.05 11.51 4.82
C SER A 94 -12.57 11.63 5.14
N PRO A 95 -11.80 12.31 4.29
CA PRO A 95 -10.40 12.57 4.62
C PRO A 95 -10.22 13.38 5.89
N GLN A 96 -11.22 14.17 6.26
CA GLN A 96 -11.09 14.99 7.45
C GLN A 96 -11.24 14.15 8.72
N LEU A 97 -12.20 13.23 8.73
CA LEU A 97 -12.30 12.31 9.85
C LEU A 97 -11.03 11.50 10.02
N ILE A 98 -10.43 11.05 8.91
CA ILE A 98 -9.17 10.31 8.96
C ILE A 98 -8.05 11.17 9.55
N GLU A 99 -7.98 12.43 9.18
CA GLU A 99 -6.86 13.25 9.73
C GLU A 99 -7.15 13.51 11.21
N ARG A 100 -8.41 13.76 11.57
CA ARG A 100 -8.72 13.93 12.99
C ARG A 100 -8.28 12.71 13.79
N ILE A 101 -8.52 11.50 13.25
CA ILE A 101 -8.16 10.29 13.98
C ILE A 101 -6.64 10.14 14.06
N ARG A 102 -5.93 10.41 12.97
CA ARG A 102 -4.47 10.32 13.02
C ARG A 102 -3.90 11.39 13.94
N ALA A 103 -4.63 12.48 14.17
CA ALA A 103 -4.23 13.52 15.10
C ALA A 103 -4.57 13.17 16.55
N ASP A 104 -5.03 11.95 16.84
CA ASP A 104 -5.42 11.53 18.18
C ASP A 104 -6.50 12.46 18.75
N ASP A 105 -7.46 12.84 17.91
CA ASP A 105 -8.61 13.62 18.34
C ASP A 105 -9.60 12.66 18.99
N THR A 106 -9.54 12.58 20.32
CA THR A 106 -10.37 11.63 21.06
C THR A 106 -11.85 11.86 20.80
N ALA A 107 -12.27 13.13 20.69
CA ALA A 107 -13.68 13.43 20.50
C ALA A 107 -14.17 12.94 19.14
N ALA A 108 -13.31 13.00 18.13
CA ALA A 108 -13.67 12.50 16.81
C ALA A 108 -13.81 10.99 16.81
N VAL A 109 -12.98 10.29 17.58
CA VAL A 109 -13.06 8.83 17.65
C VAL A 109 -14.33 8.40 18.37
N GLU A 110 -14.54 8.91 19.59
CA GLU A 110 -15.66 8.45 20.41
C GLU A 110 -17.00 8.97 19.91
N GLY A 111 -17.01 10.05 19.13
CA GLY A 111 -18.25 10.54 18.55
C GLY A 111 -18.48 10.08 17.12
N ASP A 112 -17.86 10.77 16.17
CA ASP A 112 -18.13 10.52 14.75
C ASP A 112 -17.73 9.11 14.35
N TYR A 113 -16.54 8.65 14.77
CA TYR A 113 -16.07 7.36 14.28
C TYR A 113 -16.86 6.20 14.90
N PHE A 114 -17.14 6.28 16.20
CA PHE A 114 -18.01 5.28 16.83
C PHE A 114 -19.34 5.18 16.10
N ALA A 115 -19.93 6.33 15.74
CA ALA A 115 -21.21 6.33 15.03
C ALA A 115 -21.05 5.66 13.67
N SER A 116 -19.94 5.93 12.99
CA SER A 116 -19.67 5.31 11.70
C SER A 116 -19.56 3.79 11.83
N VAL A 117 -18.85 3.32 12.85
CA VAL A 117 -18.65 1.88 13.04
C VAL A 117 -19.97 1.19 13.37
N ALA A 118 -20.73 1.77 14.30
CA ALA A 118 -22.03 1.20 14.65
C ALA A 118 -22.92 1.09 13.43
N ALA A 119 -22.96 2.14 12.62
CA ALA A 119 -23.82 2.14 11.43
C ALA A 119 -23.37 1.09 10.43
N LEU A 120 -22.05 1.01 10.19
CA LEU A 120 -21.49 -0.02 9.34
C LEU A 120 -21.86 -1.42 9.84
N VAL A 121 -21.64 -1.70 11.12
CA VAL A 121 -21.95 -3.03 11.65
C VAL A 121 -23.43 -3.34 11.47
N LYS A 122 -24.29 -2.33 11.61
CA LYS A 122 -25.72 -2.55 11.43
C LYS A 122 -26.05 -2.88 9.98
N ARG A 123 -25.44 -2.18 8.99
CA ARG A 123 -25.68 -2.58 7.60
C ARG A 123 -25.30 -4.04 7.38
N VAL A 124 -24.16 -4.45 7.95
CA VAL A 124 -23.58 -5.73 7.58
C VAL A 124 -24.37 -6.87 8.20
N THR A 125 -24.83 -6.70 9.44
CA THR A 125 -25.46 -7.77 10.19
C THR A 125 -26.95 -7.60 10.41
N GLY A 126 -27.48 -6.38 10.30
CA GLY A 126 -28.86 -6.18 10.68
C GLY A 126 -29.09 -6.18 12.18
N ALA A 127 -28.04 -5.99 12.97
CA ALA A 127 -28.18 -6.05 14.42
C ALA A 127 -29.05 -4.90 14.93
N ASP A 128 -29.74 -5.15 16.04
CA ASP A 128 -30.57 -4.13 16.67
C ASP A 128 -29.74 -3.12 17.44
N HIS A 129 -28.65 -3.57 18.07
CA HIS A 129 -27.90 -2.72 18.98
C HIS A 129 -26.42 -3.03 18.85
N VAL A 130 -25.60 -1.97 18.74
CA VAL A 130 -24.15 -2.09 18.65
C VAL A 130 -23.52 -1.11 19.65
N VAL A 131 -22.55 -1.60 20.42
CA VAL A 131 -21.88 -0.81 21.46
C VAL A 131 -20.39 -0.80 21.18
N CYS A 132 -19.85 0.36 20.85
CA CYS A 132 -18.42 0.52 20.58
C CYS A 132 -17.65 0.78 21.87
N PHE A 133 -16.41 0.26 21.93
CA PHE A 133 -15.57 0.47 23.11
C PHE A 133 -14.11 0.17 22.76
N SER A 134 -13.21 0.69 23.61
CA SER A 134 -11.77 0.44 23.57
C SER A 134 -11.14 0.69 22.19
N PRO A 135 -11.12 1.94 21.72
CA PRO A 135 -10.44 2.21 20.44
C PRO A 135 -8.93 2.27 20.62
N TYR A 136 -8.19 1.77 19.63
CA TYR A 136 -6.73 1.85 19.62
C TYR A 136 -6.28 2.33 18.26
N THR A 137 -5.59 3.46 18.24
CA THR A 137 -4.99 4.00 17.03
C THR A 137 -3.52 3.58 17.04
N ARG A 138 -3.09 2.92 15.97
CA ARG A 138 -1.78 2.28 15.95
C ARG A 138 -0.90 2.86 14.86
N LYS A 139 0.39 2.90 15.15
CA LYS A 139 1.36 3.40 14.19
C LYS A 139 2.62 2.60 14.37
N GLU A 140 3.11 2.09 13.24
CA GLU A 140 4.29 1.26 13.18
C GLU A 140 5.40 1.92 13.98
N ASN A 141 5.75 1.25 15.07
CA ASN A 141 6.73 1.67 16.04
C ASN A 141 6.42 3.12 16.48
N SER A 142 5.21 3.24 17.05
CA SER A 142 4.65 4.42 17.71
C SER A 142 5.40 4.82 18.97
N GLU A 143 4.89 5.81 19.69
CA GLU A 143 5.41 6.16 21.00
C GLU A 143 4.37 5.98 22.11
N LYS A 144 3.13 5.60 21.78
CA LYS A 144 2.09 5.40 22.79
C LYS A 144 2.12 4.01 23.42
N GLY A 145 3.18 3.23 23.21
CA GLY A 145 3.27 1.92 23.83
C GLY A 145 2.76 0.82 22.91
N ILE A 146 2.69 -0.39 23.46
CA ILE A 146 2.49 -1.55 22.59
C ILE A 146 1.05 -1.66 22.10
N PHE A 147 0.09 -1.04 22.78
CA PHE A 147 -1.27 -1.02 22.25
C PHE A 147 -1.46 0.09 21.23
N GLY A 148 -0.45 0.92 21.01
CA GLY A 148 -0.47 1.86 19.90
C GLY A 148 0.39 1.41 18.74
N GLN A 149 0.75 0.13 18.71
CA GLN A 149 1.64 -0.47 17.71
C GLN A 149 0.99 -1.73 17.14
N PRO A 150 1.41 -2.15 15.93
CA PRO A 150 0.82 -3.37 15.36
C PRO A 150 0.98 -4.55 16.32
N ALA A 151 -0.03 -5.40 16.35
CA ALA A 151 -0.02 -6.57 17.23
C ALA A 151 0.85 -7.67 16.63
N ARG A 152 1.74 -8.26 17.43
CA ARG A 152 2.62 -9.30 16.92
C ARG A 152 2.34 -10.68 17.43
N THR A 153 1.49 -10.80 18.43
CA THR A 153 1.08 -12.10 18.95
C THR A 153 -0.33 -12.41 18.47
N VAL A 154 -0.55 -13.67 18.12
CA VAL A 154 -1.81 -14.15 17.55
C VAL A 154 -2.86 -14.25 18.65
N HIS A 155 -3.98 -13.56 18.46
CA HIS A 155 -4.95 -13.51 19.53
C HIS A 155 -6.38 -13.37 19.00
N CYS A 156 -7.30 -13.61 19.93
CA CYS A 156 -8.72 -13.32 19.80
C CYS A 156 -9.05 -12.42 20.97
N ASP A 157 -9.55 -11.22 20.75
CA ASP A 157 -9.65 -10.18 21.84
C ASP A 157 -10.34 -10.64 23.13
N HIS A 158 -11.29 -11.55 23.02
CA HIS A 158 -12.05 -11.90 24.21
C HIS A 158 -12.22 -13.41 24.33
N THR A 159 -12.14 -13.92 25.58
CA THR A 159 -12.72 -15.21 25.88
C THR A 159 -14.23 -15.05 26.04
N PRO A 160 -14.98 -16.15 26.04
CA PRO A 160 -16.42 -16.02 26.38
C PRO A 160 -16.64 -15.29 27.70
N ALA A 161 -15.90 -15.65 28.76
CA ALA A 161 -16.10 -14.98 30.04
C ALA A 161 -15.88 -13.47 29.91
N ALA A 162 -14.87 -13.05 29.14
CA ALA A 162 -14.61 -11.63 28.95
C ALA A 162 -15.72 -10.95 28.16
N ALA A 163 -16.23 -11.60 27.10
CA ALA A 163 -17.34 -11.03 26.36
C ALA A 163 -18.57 -10.87 27.24
N ILE A 164 -18.85 -11.89 28.07
CA ILE A 164 -19.99 -11.80 28.97
C ILE A 164 -19.78 -10.70 30.00
N GLU A 165 -18.57 -10.61 30.56
CA GLU A 165 -18.27 -9.57 31.54
C GLU A 165 -18.42 -8.18 30.96
N LEU A 166 -17.97 -8.01 29.72
CA LEU A 166 -18.10 -6.71 29.07
C LEU A 166 -19.56 -6.33 28.82
N THR A 167 -20.42 -7.32 28.56
CA THR A 167 -21.83 -7.01 28.37
C THR A 167 -22.45 -6.51 29.67
N HIS A 168 -22.17 -7.19 30.79
CA HIS A 168 -22.62 -6.68 32.09
C HIS A 168 -22.08 -5.28 32.35
N LYS A 169 -20.81 -5.07 32.04
CA LYS A 169 -20.19 -3.80 32.40
C LYS A 169 -20.69 -2.65 31.54
N LEU A 170 -20.99 -2.90 30.26
CA LEU A 170 -21.42 -1.85 29.36
C LEU A 170 -22.94 -1.74 29.25
N CYS A 171 -23.68 -2.84 29.45
CA CYS A 171 -25.10 -2.85 29.14
C CYS A 171 -26.01 -2.91 30.37
N GLY A 172 -25.44 -3.00 31.58
CA GLY A 172 -26.24 -2.89 32.81
C GLY A 172 -27.33 -3.93 32.94
N GLU A 173 -28.46 -3.53 33.56
CA GLU A 173 -29.68 -4.37 33.56
C GLU A 173 -30.03 -5.13 32.29
N ASP A 174 -29.88 -4.52 31.13
CA ASP A 174 -30.37 -5.15 29.91
C ASP A 174 -29.66 -6.46 29.63
N ALA A 175 -28.44 -6.62 30.17
CA ALA A 175 -27.63 -7.81 29.89
C ALA A 175 -28.35 -9.11 30.21
N VAL A 176 -29.25 -9.08 31.19
CA VAL A 176 -29.93 -10.32 31.60
C VAL A 176 -30.80 -10.85 30.48
N ARG A 177 -31.27 -9.97 29.59
CA ARG A 177 -32.02 -10.40 28.41
C ARG A 177 -31.13 -10.54 27.17
N LEU A 178 -30.18 -9.61 27.01
CA LEU A 178 -29.34 -9.61 25.81
C LEU A 178 -28.50 -10.88 25.70
N LEU A 179 -28.01 -11.39 26.83
CA LEU A 179 -27.05 -12.50 26.81
C LEU A 179 -27.68 -13.85 26.46
N GLN A 180 -29.00 -13.82 26.32
CA GLN A 180 -29.76 -15.05 25.97
C GLN A 180 -30.17 -15.06 24.48
N SER A 181 -29.99 -13.95 23.73
CA SER A 181 -30.20 -14.13 22.31
C SER A 181 -28.87 -13.99 21.60
N ARG A 182 -28.91 -13.73 20.29
CA ARG A 182 -27.69 -13.64 19.50
C ARG A 182 -26.80 -12.54 20.04
N PHE A 183 -25.57 -12.90 20.41
CA PHE A 183 -24.61 -11.94 20.95
C PHE A 183 -23.26 -12.20 20.31
N ARG A 184 -22.66 -11.14 19.75
CA ARG A 184 -21.39 -11.24 19.05
C ARG A 184 -20.50 -10.07 19.48
N ALA A 185 -19.19 -10.26 19.37
CA ALA A 185 -18.22 -9.20 19.61
C ALA A 185 -17.22 -9.17 18.47
N PHE A 186 -16.99 -7.97 17.90
CA PHE A 186 -16.13 -7.78 16.74
C PHE A 186 -14.97 -6.85 17.06
N SER A 187 -13.84 -7.05 16.38
CA SER A 187 -12.87 -5.98 16.18
C SER A 187 -13.11 -5.40 14.79
N VAL A 188 -13.21 -4.07 14.71
CA VAL A 188 -13.48 -3.40 13.44
C VAL A 188 -12.22 -2.59 13.10
N TRP A 189 -11.52 -2.96 12.03
CA TRP A 189 -10.16 -2.49 11.76
C TRP A 189 -10.12 -1.76 10.42
N ARG A 190 -9.45 -0.60 10.39
CA ARG A 190 -9.41 0.23 9.18
C ARG A 190 -8.04 0.90 9.04
N PRO A 191 -7.40 0.81 7.88
CA PRO A 191 -6.14 1.54 7.68
C PRO A 191 -6.39 3.03 7.69
N LEU A 192 -5.44 3.77 8.26
CA LEU A 192 -5.48 5.24 8.25
C LEU A 192 -4.54 5.85 7.23
N VAL A 193 -3.56 5.07 6.77
CA VAL A 193 -2.70 5.38 5.62
C VAL A 193 -2.86 4.24 4.62
N GLU A 194 -2.80 4.55 3.32
CA GLU A 194 -3.18 3.55 2.33
C GLU A 194 -2.29 3.63 1.09
N PRO A 195 -2.09 2.49 0.38
CA PRO A 195 -2.52 1.14 0.77
C PRO A 195 -1.61 0.59 1.86
N VAL A 196 -2.14 -0.36 2.63
CA VAL A 196 -1.30 -1.07 3.58
C VAL A 196 -0.35 -1.97 2.81
N LEU A 197 0.93 -1.88 3.11
CA LEU A 197 1.90 -2.77 2.50
C LEU A 197 2.52 -3.65 3.59
N ASP A 198 3.26 -3.07 4.51
CA ASP A 198 3.88 -3.80 5.60
C ASP A 198 2.94 -3.85 6.81
N TRP A 199 3.18 -4.85 7.67
CA TRP A 199 2.37 -5.12 8.85
C TRP A 199 0.86 -5.16 8.59
N PRO A 200 0.42 -5.89 7.56
CA PRO A 200 -1.03 -6.02 7.36
C PRO A 200 -1.61 -6.88 8.46
N LEU A 201 -2.91 -6.73 8.66
CA LEU A 201 -3.63 -7.52 9.64
C LEU A 201 -4.01 -8.85 9.02
N ALA A 202 -3.54 -9.96 9.61
CA ALA A 202 -3.89 -11.29 9.14
C ALA A 202 -5.03 -11.83 9.97
N VAL A 203 -5.85 -12.68 9.34
CA VAL A 203 -7.05 -13.25 9.96
C VAL A 203 -7.10 -14.73 9.58
N VAL A 204 -7.64 -15.56 10.48
CA VAL A 204 -7.65 -17.01 10.24
C VAL A 204 -9.08 -17.48 9.99
N ASP A 205 -9.23 -18.41 9.06
CA ASP A 205 -10.52 -19.09 8.88
C ASP A 205 -10.90 -19.80 10.17
N GLY A 206 -11.99 -19.34 10.80
CA GLY A 206 -12.37 -19.86 12.10
C GLY A 206 -12.74 -21.32 12.09
N ARG A 207 -13.04 -21.88 10.92
CA ARG A 207 -13.28 -23.32 10.82
C ARG A 207 -12.01 -24.12 10.99
N THR A 208 -10.84 -23.49 10.97
CA THR A 208 -9.58 -24.21 11.05
C THR A 208 -8.86 -23.97 12.38
N ILE A 209 -9.53 -23.35 13.33
CA ILE A 209 -9.02 -23.22 14.70
C ILE A 209 -9.52 -24.42 15.49
N ALA A 210 -8.60 -25.16 16.10
CA ALA A 210 -8.96 -26.27 16.97
C ALA A 210 -9.09 -25.79 18.41
N PRO A 211 -9.97 -26.38 19.21
CA PRO A 211 -10.16 -25.88 20.58
C PRO A 211 -8.87 -25.85 21.38
N ASP A 212 -7.95 -26.79 21.13
CA ASP A 212 -6.69 -26.78 21.85
C ASP A 212 -5.72 -25.71 21.37
N ASP A 213 -6.04 -24.99 20.29
CA ASP A 213 -5.18 -23.89 19.87
C ASP A 213 -5.38 -22.65 20.73
N LEU A 214 -6.40 -22.64 21.58
CA LEU A 214 -6.78 -21.47 22.36
C LEU A 214 -6.22 -21.53 23.78
N HIS A 215 -5.59 -20.43 24.20
CA HIS A 215 -4.92 -20.35 25.50
C HIS A 215 -5.23 -19.00 26.13
N PRO A 216 -6.09 -18.94 27.15
CA PRO A 216 -6.32 -17.66 27.82
C PRO A 216 -5.04 -17.17 28.48
N VAL A 217 -4.81 -15.86 28.37
CA VAL A 217 -3.61 -15.22 28.91
C VAL A 217 -4.05 -13.90 29.54
N HIS A 218 -3.74 -13.71 30.83
CA HIS A 218 -4.04 -12.46 31.50
C HIS A 218 -2.98 -11.43 31.15
N TRP A 219 -3.38 -10.36 30.48
CA TRP A 219 -2.48 -9.26 30.19
C TRP A 219 -2.52 -8.29 31.38
N LEU A 220 -1.41 -8.21 32.11
CA LEU A 220 -1.37 -7.42 33.34
C LEU A 220 -0.85 -6.04 32.96
N ARG A 221 -1.80 -5.14 32.68
CA ARG A 221 -1.45 -3.73 32.53
C ARG A 221 -1.08 -3.13 33.87
N TYR A 222 -1.60 -3.71 34.95
CA TYR A 222 -1.38 -3.26 36.31
C TYR A 222 -0.71 -4.40 37.09
N GLU A 223 -0.61 -4.21 38.42
CA GLU A 223 0.01 -5.22 39.24
C GLU A 223 -0.81 -6.51 39.25
N LYS A 224 -2.12 -6.39 39.12
CA LYS A 224 -3.06 -7.49 39.33
C LYS A 224 -3.87 -7.71 38.06
N LYS A 225 -4.36 -8.93 37.86
CA LYS A 225 -5.50 -9.20 36.97
C LYS A 225 -6.58 -8.15 37.19
N ASP A 226 -7.01 -7.50 36.10
CA ASP A 226 -8.04 -6.49 36.22
C ASP A 226 -9.26 -6.75 35.35
N THR A 227 -9.20 -7.68 34.40
CA THR A 227 -10.35 -8.06 33.59
C THR A 227 -10.27 -9.56 33.32
N GLU A 228 -11.29 -10.08 32.64
CA GLU A 228 -11.17 -11.40 32.03
C GLU A 228 -10.24 -11.30 30.81
N PRO A 229 -9.66 -12.42 30.40
CA PRO A 229 -8.53 -12.35 29.45
C PRO A 229 -8.96 -12.53 28.00
N PRO A 230 -8.03 -12.28 27.06
CA PRO A 230 -8.22 -12.74 25.68
C PRO A 230 -7.70 -14.14 25.47
N PHE A 231 -7.89 -14.70 24.28
CA PHE A 231 -7.21 -15.93 23.89
C PHE A 231 -5.94 -15.59 23.12
N GLN A 232 -4.84 -16.25 23.46
CA GLN A 232 -3.68 -16.31 22.58
C GLN A 232 -3.69 -17.69 21.92
N LEU A 233 -3.24 -17.75 20.66
CA LEU A 233 -3.26 -19.00 19.93
C LEU A 233 -1.89 -19.65 19.91
N SER A 234 -1.89 -20.98 19.86
CA SER A 234 -0.73 -21.77 19.43
C SER A 234 -0.88 -22.13 17.96
N PHE A 235 0.25 -22.39 17.30
CA PHE A 235 0.23 -22.65 15.86
C PHE A 235 -0.28 -24.05 15.55
N SER A 236 -0.94 -24.19 14.41
CA SER A 236 -1.27 -25.50 13.89
C SER A 236 -1.21 -25.43 12.39
N GLU A 237 -0.75 -26.52 11.76
CA GLU A 237 -0.69 -26.55 10.30
C GLU A 237 -2.07 -26.57 9.68
N THR A 238 -3.09 -26.92 10.46
CA THR A 238 -4.47 -26.90 9.98
C THR A 238 -4.98 -25.49 9.74
N GLN A 239 -4.40 -24.48 10.41
CA GLN A 239 -4.95 -23.14 10.35
C GLN A 239 -4.76 -22.55 8.95
N LYS A 240 -5.81 -21.94 8.40
CA LYS A 240 -5.74 -21.32 7.08
C LYS A 240 -5.76 -19.82 7.27
N TRP A 241 -4.60 -19.20 7.08
CA TRP A 241 -4.40 -17.78 7.38
C TRP A 241 -4.55 -16.95 6.11
N TYR A 242 -5.22 -15.80 6.24
CA TYR A 242 -5.43 -14.87 5.15
C TYR A 242 -4.89 -13.48 5.50
N TYR A 243 -4.76 -12.71 4.44
CA TYR A 243 -4.51 -11.26 4.56
C TYR A 243 -5.09 -10.63 3.29
N LEU A 244 -5.53 -9.40 3.38
CA LEU A 244 -6.04 -8.63 2.25
C LEU A 244 -4.91 -7.74 1.75
N SER A 245 -4.27 -8.12 0.64
CA SER A 245 -3.14 -7.35 0.15
C SER A 245 -3.56 -5.92 -0.21
N ARG A 246 -2.65 -4.99 0.04
CA ARG A 246 -2.82 -3.57 -0.33
C ARG A 246 -4.15 -3.00 0.15
N GLN A 247 -4.49 -3.29 1.41
CA GLN A 247 -5.76 -2.82 1.94
C GLN A 247 -5.81 -1.30 2.00
N ARG A 248 -6.97 -0.74 1.62
CA ARG A 248 -7.15 0.70 1.56
C ARG A 248 -8.01 1.18 2.72
N SER A 249 -8.04 2.51 2.89
CA SER A 249 -8.82 3.11 3.98
C SER A 249 -10.31 2.94 3.81
N ASP A 250 -10.79 2.64 2.60
CA ASP A 250 -12.20 2.36 2.38
C ASP A 250 -12.56 0.90 2.60
N GLU A 251 -11.60 0.04 2.90
CA GLU A 251 -11.81 -1.39 3.06
C GLU A 251 -11.64 -1.71 4.54
N VAL A 252 -12.75 -2.07 5.19
CA VAL A 252 -12.80 -2.31 6.62
C VAL A 252 -12.80 -3.81 6.88
N SER A 253 -11.93 -4.26 7.79
CA SER A 253 -11.93 -5.65 8.24
C SER A 253 -12.81 -5.75 9.49
N ILE A 254 -13.77 -6.65 9.48
CA ILE A 254 -14.54 -7.02 10.66
C ILE A 254 -14.12 -8.43 11.07
N VAL A 255 -13.58 -8.57 12.28
CA VAL A 255 -13.02 -9.83 12.75
C VAL A 255 -13.77 -10.22 14.01
N LYS A 256 -14.37 -11.41 13.99
CA LYS A 256 -15.27 -11.84 15.04
C LYS A 256 -14.47 -12.42 16.21
N ASN A 257 -14.62 -11.81 17.38
CA ASN A 257 -13.99 -12.32 18.60
C ASN A 257 -14.89 -13.27 19.39
N TYR A 258 -16.21 -13.16 19.27
CA TYR A 258 -17.12 -14.01 20.02
C TYR A 258 -18.45 -14.13 19.27
N ASP A 259 -19.08 -15.29 19.36
CA ASP A 259 -20.41 -15.53 18.80
C ASP A 259 -21.14 -16.53 19.68
N SER A 260 -22.38 -16.20 20.08
CA SER A 260 -23.18 -17.14 20.85
C SER A 260 -23.83 -18.22 19.99
N GLU A 261 -23.89 -18.03 18.69
CA GLU A 261 -24.61 -18.94 17.81
C GLU A 261 -23.68 -20.04 17.32
N VAL A 262 -24.21 -21.26 17.22
CA VAL A 262 -23.44 -22.34 16.60
C VAL A 262 -23.39 -22.06 15.09
N VAL A 263 -22.22 -21.63 14.61
CA VAL A 263 -22.00 -21.35 13.19
C VAL A 263 -20.66 -21.98 12.83
N PRO A 264 -20.28 -22.09 11.55
CA PRO A 264 -19.02 -22.77 11.25
C PRO A 264 -17.80 -22.15 11.92
N SER A 265 -17.75 -20.83 12.09
CA SER A 265 -16.64 -20.15 12.78
C SER A 265 -17.15 -19.46 14.04
N PRO A 266 -17.02 -20.06 15.22
CA PRO A 266 -17.40 -19.34 16.44
C PRO A 266 -16.58 -18.07 16.66
N ARG A 267 -15.39 -18.01 16.07
CA ARG A 267 -14.51 -16.86 16.22
C ARG A 267 -13.44 -16.98 15.15
N SER A 268 -12.77 -15.87 14.89
CA SER A 268 -11.51 -15.89 14.18
C SER A 268 -10.40 -15.53 15.17
N ALA A 269 -9.21 -15.25 14.64
CA ALA A 269 -8.09 -14.76 15.42
C ALA A 269 -7.24 -13.94 14.45
N HIS A 270 -6.40 -13.07 15.00
CA HIS A 270 -5.76 -12.09 14.13
C HIS A 270 -4.44 -11.63 14.73
N CYS A 271 -3.63 -11.00 13.87
CA CYS A 271 -2.27 -10.61 14.23
C CYS A 271 -1.68 -9.95 12.99
N ALA A 272 -0.63 -9.15 13.17
CA ALA A 272 0.09 -8.58 12.05
C ALA A 272 1.37 -9.37 11.77
N PHE A 273 1.89 -9.24 10.54
CA PHE A 273 3.14 -9.90 10.18
C PHE A 273 3.99 -8.97 9.32
N LYS A 274 5.30 -9.20 9.33
CA LYS A 274 6.22 -8.46 8.48
C LYS A 274 6.12 -8.98 7.05
N HIS A 275 5.78 -8.12 6.09
CA HIS A 275 5.57 -8.59 4.71
C HIS A 275 6.90 -8.72 3.99
N PRO A 276 7.22 -9.89 3.42
CA PRO A 276 8.58 -10.07 2.84
C PRO A 276 8.84 -9.23 1.60
N PHE A 277 7.84 -8.73 0.89
CA PHE A 277 8.12 -8.10 -0.40
C PHE A 277 7.96 -6.59 -0.39
N VAL A 278 7.88 -5.96 0.77
CA VAL A 278 7.64 -4.52 0.82
C VAL A 278 8.98 -3.84 1.02
N PRO A 279 9.24 -2.69 0.40
CA PRO A 279 10.53 -2.02 0.57
C PRO A 279 10.76 -1.65 2.02
N LYS A 280 12.02 -1.71 2.45
CA LYS A 280 12.38 -1.31 3.81
C LYS A 280 11.90 0.09 4.11
N ASP A 281 12.06 1.02 3.17
CA ASP A 281 11.77 2.43 3.40
C ASP A 281 10.31 2.80 3.19
N ALA A 282 9.40 1.83 3.10
CA ALA A 282 7.98 2.13 3.03
C ALA A 282 7.55 2.95 4.25
N PRO A 283 6.50 3.77 4.13
CA PRO A 283 6.03 4.54 5.28
C PRO A 283 5.41 3.63 6.33
N PRO A 284 5.35 4.06 7.59
CA PRO A 284 4.79 3.22 8.65
C PRO A 284 3.31 2.92 8.43
N ARG A 285 2.92 1.73 8.84
CA ARG A 285 1.49 1.39 8.83
C ARG A 285 0.79 2.17 9.95
N GLU A 286 -0.35 2.75 9.66
CA GLU A 286 -1.24 3.42 10.60
C GLU A 286 -2.65 2.88 10.43
N SER A 287 -3.33 2.67 11.55
CA SER A 287 -4.65 2.07 11.51
C SER A 287 -5.39 2.42 12.79
N ILE A 288 -6.70 2.25 12.76
CA ILE A 288 -7.51 2.30 13.96
C ILE A 288 -8.38 1.05 14.01
N ASP A 289 -8.46 0.47 15.20
CA ASP A 289 -9.39 -0.59 15.53
C ASP A 289 -10.25 -0.24 16.75
N VAL A 290 -11.50 -0.68 16.68
CA VAL A 290 -12.51 -0.44 17.75
C VAL A 290 -13.23 -1.76 18.00
N ARG A 291 -13.46 -2.09 19.26
CA ARG A 291 -14.24 -3.31 19.53
C ARG A 291 -15.73 -2.96 19.58
N CYS A 292 -16.58 -3.93 19.28
CA CYS A 292 -18.04 -3.68 19.40
C CYS A 292 -18.81 -4.89 19.91
N LEU A 293 -19.75 -4.66 20.84
CA LEU A 293 -20.68 -5.71 21.27
C LEU A 293 -21.85 -5.60 20.29
N VAL A 294 -22.39 -6.71 19.82
CA VAL A 294 -23.38 -6.74 18.77
C VAL A 294 -24.51 -7.67 19.18
N PHE A 295 -25.72 -7.12 19.27
CA PHE A 295 -26.90 -7.85 19.74
C PHE A 295 -27.93 -7.96 18.63
N GLY A 296 -28.40 -9.16 18.39
CA GLY A 296 -29.33 -9.40 17.32
C GLY A 296 -28.63 -9.63 15.98
N GLY A 297 -29.44 -9.63 14.94
CA GLY A 297 -28.90 -9.71 13.61
C GLY A 297 -28.57 -11.12 13.17
N ARG A 298 -27.80 -11.19 12.08
CA ARG A 298 -27.69 -12.45 11.36
C ARG A 298 -26.26 -12.82 11.04
N SER B 24 29.09 0.22 -27.85
CA SER B 24 28.88 -0.99 -28.64
C SER B 24 27.65 -0.90 -29.55
N ARG B 25 27.46 -1.95 -30.36
CA ARG B 25 26.32 -1.99 -31.27
C ARG B 25 25.03 -2.34 -30.54
N THR B 26 25.08 -3.28 -29.59
CA THR B 26 23.88 -3.70 -28.89
C THR B 26 23.68 -2.99 -27.56
N TRP B 27 24.72 -2.38 -27.01
CA TRP B 27 24.59 -1.69 -25.73
C TRP B 27 25.59 -0.54 -25.68
N CYS B 28 25.35 0.38 -24.76
CA CYS B 28 26.31 1.43 -24.45
C CYS B 28 26.30 1.66 -22.94
N GLU B 29 27.34 2.34 -22.44
CA GLU B 29 27.44 2.59 -21.02
C GLU B 29 27.47 4.08 -20.74
N SER B 30 26.77 4.50 -19.71
CA SER B 30 26.82 5.87 -19.25
C SER B 30 26.61 5.83 -17.74
N GLU B 31 26.20 6.96 -17.15
CA GLU B 31 25.91 7.06 -15.73
C GLU B 31 24.54 7.68 -15.53
N MET B 32 23.93 7.35 -14.40
CA MET B 32 22.73 8.02 -13.91
C MET B 32 22.93 8.25 -12.42
N LEU B 33 22.08 9.10 -11.85
CA LEU B 33 22.13 9.41 -10.42
C LEU B 33 21.16 8.52 -9.65
N PHE B 34 21.68 7.77 -8.68
CA PHE B 34 20.88 6.93 -7.78
C PHE B 34 20.93 7.47 -6.36
N VAL B 35 20.11 6.91 -5.48
CA VAL B 35 20.26 7.17 -4.05
C VAL B 35 21.33 6.25 -3.47
N GLN B 36 22.11 6.79 -2.55
CA GLN B 36 23.19 6.06 -1.89
C GLN B 36 22.63 5.34 -0.67
N PRO B 37 22.66 3.99 -0.63
CA PRO B 37 21.96 3.12 0.34
C PRO B 37 22.51 3.20 1.77
N GLU B 43 14.65 7.67 9.43
CA GLU B 43 13.49 8.57 9.25
C GLU B 43 13.12 8.60 7.76
N GLU B 44 11.96 9.16 7.45
CA GLU B 44 11.51 9.21 6.05
C GLU B 44 12.43 10.13 5.27
N LEU B 45 12.75 9.70 4.06
CA LEU B 45 13.67 10.49 3.24
C LEU B 45 12.97 11.72 2.69
N TYR B 46 13.72 12.80 2.65
CA TYR B 46 13.23 14.04 2.07
C TYR B 46 14.34 14.73 1.29
N TYR B 47 13.93 15.61 0.39
CA TYR B 47 14.86 16.41 -0.41
C TYR B 47 14.27 17.80 -0.60
N ARG B 48 14.98 18.82 -0.13
CA ARG B 48 14.50 20.19 -0.17
C ARG B 48 14.89 20.79 -1.53
N VAL B 49 13.89 21.16 -2.32
CA VAL B 49 14.17 21.74 -3.64
C VAL B 49 14.82 23.11 -3.49
N THR B 50 14.45 23.84 -2.44
CA THR B 50 14.81 25.25 -2.25
C THR B 50 15.52 25.37 -0.92
N PRO B 51 16.75 24.87 -0.83
CA PRO B 51 17.39 24.82 0.49
C PRO B 51 17.84 26.20 1.00
N LYS B 52 17.91 26.36 2.34
CA LYS B 52 18.32 27.48 3.19
C LYS B 52 19.71 27.25 3.67
N PRO B 53 20.56 28.29 3.56
CA PRO B 53 21.90 28.18 4.16
C PRO B 53 21.82 27.69 5.58
N GLY B 54 22.61 26.68 5.86
CA GLY B 54 22.65 26.10 7.19
C GLY B 54 21.54 25.12 7.51
N GLN B 55 20.55 24.96 6.64
CA GLN B 55 19.50 23.96 6.81
C GLN B 55 19.84 22.76 5.94
N THR B 56 19.77 21.57 6.52
CA THR B 56 20.10 20.35 5.78
C THR B 56 19.15 20.17 4.59
N GLN B 57 19.71 19.97 3.40
CA GLN B 57 18.87 19.86 2.21
C GLN B 57 18.22 18.49 2.08
N ALA B 58 18.87 17.43 2.57
CA ALA B 58 18.36 16.07 2.42
C ALA B 58 19.00 15.17 3.47
N ASN B 59 18.31 14.09 3.84
CA ASN B 59 18.87 13.10 4.74
C ASN B 59 19.36 11.84 4.00
N PHE B 60 19.86 12.02 2.78
CA PHE B 60 20.44 10.95 2.00
C PHE B 60 21.31 11.62 0.95
N ASN B 61 22.19 10.83 0.34
CA ASN B 61 23.07 11.34 -0.71
C ASN B 61 22.64 10.80 -2.08
N TRP B 62 22.80 11.64 -3.11
CA TRP B 62 22.79 11.19 -4.49
C TRP B 62 24.16 10.63 -4.85
N THR B 63 24.18 9.59 -5.67
CA THR B 63 25.44 9.03 -6.10
C THR B 63 25.35 8.52 -7.54
N PRO B 64 26.27 8.94 -8.41
CA PRO B 64 26.26 8.42 -9.77
C PRO B 64 26.77 7.00 -9.81
N HIS B 65 26.24 6.22 -10.74
CA HIS B 65 26.75 4.89 -10.97
C HIS B 65 26.74 4.60 -12.46
N LYS B 66 27.80 3.94 -12.93
CA LYS B 66 27.85 3.47 -14.30
C LYS B 66 26.77 2.41 -14.53
N VAL B 67 26.16 2.45 -15.72
CA VAL B 67 25.06 1.56 -16.06
C VAL B 67 25.25 1.14 -17.51
N ARG B 68 24.98 -0.14 -17.80
CA ARG B 68 24.99 -0.63 -19.18
C ARG B 68 23.57 -0.57 -19.74
N PHE B 69 23.39 0.12 -20.86
CA PHE B 69 22.07 0.29 -21.47
C PHE B 69 21.99 -0.58 -22.72
N HIS B 70 21.04 -1.51 -22.73
CA HIS B 70 20.83 -2.41 -23.86
C HIS B 70 19.84 -1.78 -24.82
N ASP B 71 20.20 -1.72 -26.10
CA ASP B 71 19.32 -1.14 -27.11
C ASP B 71 18.14 -2.08 -27.35
N ALA B 72 16.94 -1.60 -27.06
CA ALA B 72 15.75 -2.40 -27.30
C ALA B 72 15.31 -2.41 -28.77
N ARG B 73 15.91 -1.60 -29.64
CA ARG B 73 15.33 -1.47 -30.98
C ARG B 73 15.25 -2.77 -31.76
N PRO B 74 16.25 -3.67 -31.76
CA PRO B 74 16.08 -4.92 -32.53
C PRO B 74 14.90 -5.75 -32.08
N GLN B 75 14.47 -5.57 -30.82
CA GLN B 75 13.39 -6.31 -30.18
C GLN B 75 12.23 -5.39 -29.80
N ARG B 76 12.06 -4.25 -30.50
CA ARG B 76 11.30 -3.12 -29.94
C ARG B 76 9.91 -3.53 -29.50
N ASP B 77 9.22 -4.34 -30.29
CA ASP B 77 7.85 -4.65 -29.96
C ASP B 77 7.69 -5.88 -29.08
N SER B 78 8.77 -6.38 -28.48
CA SER B 78 8.70 -7.59 -27.66
C SER B 78 8.51 -7.31 -26.17
N PHE B 79 8.53 -6.05 -25.76
CA PHE B 79 8.39 -5.72 -24.33
C PHE B 79 6.94 -5.42 -24.00
N ASP B 80 6.52 -5.77 -22.79
CA ASP B 80 5.16 -5.46 -22.42
C ASP B 80 5.05 -5.02 -20.96
N LEU B 81 3.92 -4.36 -20.69
CA LEU B 81 3.73 -3.69 -19.40
C LEU B 81 3.57 -4.68 -18.24
N ASN B 82 3.05 -5.88 -18.50
CA ASN B 82 2.93 -6.84 -17.40
C ASN B 82 4.27 -7.49 -17.08
N THR B 83 5.01 -7.90 -18.12
CA THR B 83 6.26 -8.64 -17.94
C THR B 83 7.40 -7.71 -17.52
N HIS B 84 7.58 -6.60 -18.24
CA HIS B 84 8.73 -5.71 -18.09
C HIS B 84 8.40 -4.40 -17.41
N GLY B 85 7.14 -3.99 -17.40
CA GLY B 85 6.79 -2.70 -16.82
C GLY B 85 6.88 -1.55 -17.79
N PHE B 86 7.17 -1.84 -19.06
CA PHE B 86 7.28 -0.81 -20.08
C PHE B 86 6.99 -1.42 -21.43
N THR B 87 6.65 -0.57 -22.39
CA THR B 87 6.41 -1.03 -23.75
C THR B 87 6.63 0.15 -24.68
N PHE B 88 6.95 -0.16 -25.93
CA PHE B 88 7.11 0.84 -26.97
C PHE B 88 6.06 0.60 -28.03
N VAL B 89 5.37 1.65 -28.47
CA VAL B 89 4.29 1.44 -29.45
C VAL B 89 4.33 2.57 -30.46
N GLU B 90 4.23 2.21 -31.75
CA GLU B 90 4.17 3.20 -32.79
C GLU B 90 2.81 3.87 -32.77
N ASP B 91 2.80 5.19 -32.85
CA ASP B 91 1.55 5.96 -32.79
C ASP B 91 1.87 7.33 -33.33
N ALA B 92 1.15 7.75 -34.36
CA ALA B 92 1.45 9.00 -35.04
C ALA B 92 0.47 10.10 -34.64
N ILE B 93 1.00 11.31 -34.43
CA ILE B 93 0.18 12.51 -34.28
C ILE B 93 0.60 13.54 -35.33
N SER B 94 -0.23 14.54 -35.53
CA SER B 94 0.01 15.49 -36.61
C SER B 94 1.23 16.34 -36.30
N PRO B 95 1.99 16.71 -37.33
CA PRO B 95 3.11 17.64 -37.12
C PRO B 95 2.65 18.99 -36.59
N GLN B 96 1.41 19.38 -36.88
CA GLN B 96 0.90 20.65 -36.37
C GLN B 96 0.69 20.59 -34.87
N LEU B 97 0.20 19.46 -34.36
CA LEU B 97 0.10 19.30 -32.90
C LEU B 97 1.46 19.28 -32.24
N ILE B 98 2.43 18.57 -32.83
CA ILE B 98 3.80 18.61 -32.31
C ILE B 98 4.28 20.04 -32.19
N GLU B 99 4.06 20.85 -33.24
CA GLU B 99 4.59 22.20 -33.21
C GLU B 99 3.91 23.02 -32.13
N ARG B 100 2.61 22.81 -31.92
CA ARG B 100 1.90 23.53 -30.87
C ARG B 100 2.44 23.16 -29.49
N ILE B 101 2.73 21.87 -29.28
CA ILE B 101 3.30 21.44 -28.02
C ILE B 101 4.69 22.03 -27.82
N ARG B 102 5.50 22.04 -28.87
CA ARG B 102 6.84 22.62 -28.74
C ARG B 102 6.82 24.10 -28.44
N ALA B 103 5.72 24.79 -28.78
CA ALA B 103 5.55 26.20 -28.49
C ALA B 103 4.81 26.46 -27.18
N ASP B 104 4.70 25.44 -26.32
CA ASP B 104 4.09 25.59 -24.99
C ASP B 104 2.62 26.01 -25.10
N ASP B 105 1.90 25.43 -26.06
CA ASP B 105 0.45 25.63 -26.19
C ASP B 105 -0.27 24.71 -25.22
N THR B 106 -0.72 25.26 -24.10
CA THR B 106 -1.34 24.46 -23.05
C THR B 106 -2.66 23.84 -23.51
N ALA B 107 -3.46 24.59 -24.25
CA ALA B 107 -4.74 24.03 -24.71
C ALA B 107 -4.54 22.91 -25.71
N ALA B 108 -3.44 22.93 -26.48
CA ALA B 108 -3.17 21.83 -27.38
C ALA B 108 -2.82 20.56 -26.61
N VAL B 109 -2.12 20.71 -25.50
CA VAL B 109 -1.75 19.56 -24.67
C VAL B 109 -2.97 18.99 -23.98
N GLU B 110 -3.72 19.84 -23.26
CA GLU B 110 -4.83 19.37 -22.44
C GLU B 110 -6.03 18.94 -23.27
N GLY B 111 -6.14 19.40 -24.51
CA GLY B 111 -7.21 19.02 -25.40
C GLY B 111 -6.77 17.89 -26.29
N ASP B 112 -6.26 18.21 -27.49
CA ASP B 112 -5.98 17.21 -28.50
C ASP B 112 -4.97 16.16 -28.02
N TYR B 113 -3.94 16.59 -27.29
CA TYR B 113 -2.92 15.61 -26.94
C TYR B 113 -3.44 14.63 -25.89
N PHE B 114 -4.06 15.14 -24.83
CA PHE B 114 -4.65 14.24 -23.83
C PHE B 114 -5.62 13.26 -24.49
N ALA B 115 -6.41 13.74 -25.44
CA ALA B 115 -7.37 12.87 -26.12
C ALA B 115 -6.64 11.76 -26.89
N SER B 116 -5.52 12.07 -27.54
CA SER B 116 -4.80 11.04 -28.27
C SER B 116 -4.13 10.05 -27.33
N VAL B 117 -3.60 10.54 -26.20
CA VAL B 117 -3.01 9.64 -25.19
C VAL B 117 -4.06 8.69 -24.64
N ALA B 118 -5.23 9.22 -24.28
CA ALA B 118 -6.26 8.34 -23.72
C ALA B 118 -6.67 7.27 -24.73
N ALA B 119 -6.85 7.66 -26.00
CA ALA B 119 -7.20 6.67 -27.01
C ALA B 119 -6.09 5.63 -27.18
N LEU B 120 -4.82 6.06 -27.15
CA LEU B 120 -3.73 5.08 -27.30
C LEU B 120 -3.66 4.13 -26.11
N VAL B 121 -3.76 4.66 -24.89
CA VAL B 121 -3.67 3.82 -23.72
C VAL B 121 -4.81 2.82 -23.69
N LYS B 122 -6.03 3.28 -24.02
CA LYS B 122 -7.15 2.35 -24.06
C LYS B 122 -6.95 1.30 -25.14
N ARG B 123 -6.35 1.67 -26.28
CA ARG B 123 -6.10 0.67 -27.32
C ARG B 123 -5.10 -0.39 -26.85
N VAL B 124 -4.04 0.04 -26.16
CA VAL B 124 -2.98 -0.88 -25.73
C VAL B 124 -3.47 -1.81 -24.61
N THR B 125 -4.29 -1.29 -23.68
CA THR B 125 -4.67 -1.99 -22.45
C THR B 125 -6.11 -2.47 -22.39
N GLY B 126 -7.02 -1.89 -23.18
CA GLY B 126 -8.42 -2.20 -22.97
C GLY B 126 -9.02 -1.50 -21.78
N ALA B 127 -8.30 -0.55 -21.18
CA ALA B 127 -8.81 0.13 -19.98
C ALA B 127 -10.14 0.83 -20.24
N ASP B 128 -10.98 0.88 -19.20
CA ASP B 128 -12.26 1.58 -19.30
C ASP B 128 -12.12 3.09 -19.17
N HIS B 129 -11.18 3.57 -18.36
CA HIS B 129 -11.16 4.98 -17.97
C HIS B 129 -9.71 5.42 -17.84
N VAL B 130 -9.36 6.54 -18.45
CA VAL B 130 -7.99 7.07 -18.39
C VAL B 130 -8.07 8.53 -17.99
N VAL B 131 -7.25 8.95 -17.02
CA VAL B 131 -7.20 10.33 -16.55
C VAL B 131 -5.77 10.82 -16.74
N CYS B 132 -5.57 11.78 -17.65
CA CYS B 132 -4.23 12.35 -17.85
C CYS B 132 -4.00 13.50 -16.90
N PHE B 133 -2.74 13.70 -16.50
CA PHE B 133 -2.42 14.80 -15.58
C PHE B 133 -0.91 15.08 -15.63
N SER B 134 -0.51 16.19 -15.02
CA SER B 134 0.89 16.61 -14.91
C SER B 134 1.68 16.43 -16.21
N PRO B 135 1.29 17.10 -17.29
CA PRO B 135 2.12 17.08 -18.51
C PRO B 135 3.40 17.86 -18.28
N TYR B 136 4.50 17.33 -18.78
CA TYR B 136 5.79 18.02 -18.68
C TYR B 136 6.41 18.03 -20.06
N THR B 137 6.63 19.22 -20.61
CA THR B 137 7.35 19.38 -21.87
C THR B 137 8.80 19.72 -21.52
N ARG B 138 9.73 18.90 -21.99
CA ARG B 138 11.12 19.04 -21.59
C ARG B 138 12.00 19.36 -22.78
N LYS B 139 12.99 20.22 -22.57
CA LYS B 139 13.98 20.50 -23.61
C LYS B 139 15.36 20.53 -22.98
N GLU B 140 16.28 19.79 -23.56
CA GLU B 140 17.65 19.75 -23.08
C GLU B 140 18.23 21.16 -23.04
N ASN B 141 18.83 21.51 -21.90
CA ASN B 141 19.52 22.79 -21.69
C ASN B 141 18.57 23.98 -21.66
N SER B 142 17.28 23.75 -21.46
CA SER B 142 16.34 24.85 -21.31
C SER B 142 16.67 25.64 -20.05
N GLU B 143 16.60 26.98 -20.15
CA GLU B 143 17.07 27.88 -19.10
C GLU B 143 16.09 29.00 -18.80
N LYS B 144 14.90 28.95 -19.37
CA LYS B 144 13.97 30.07 -19.44
C LYS B 144 12.70 29.84 -18.62
N GLY B 145 12.69 28.79 -17.79
CA GLY B 145 11.55 28.54 -16.91
C GLY B 145 10.27 28.20 -17.64
N ILE B 146 10.36 27.93 -18.94
CA ILE B 146 9.18 27.54 -19.72
C ILE B 146 9.05 26.02 -19.81
N PHE B 147 10.17 25.34 -20.03
CA PHE B 147 10.21 23.90 -20.22
C PHE B 147 11.05 23.26 -19.12
N GLY B 148 10.76 21.98 -18.86
CA GLY B 148 11.55 21.21 -17.93
C GLY B 148 12.79 20.70 -18.62
N GLN B 149 13.53 19.84 -17.91
CA GLN B 149 14.72 19.27 -18.52
C GLN B 149 14.62 17.76 -18.41
N PRO B 150 15.47 17.02 -19.12
CA PRO B 150 15.59 15.58 -18.87
C PRO B 150 15.78 15.25 -17.40
N ALA B 151 15.15 14.17 -16.96
CA ALA B 151 15.29 13.75 -15.59
C ALA B 151 16.71 13.26 -15.38
N ARG B 152 17.32 13.62 -14.27
CA ARG B 152 18.66 13.09 -14.02
C ARG B 152 18.74 12.14 -12.85
N THR B 153 17.67 11.95 -12.08
CA THR B 153 17.66 10.92 -11.04
C THR B 153 16.75 9.77 -11.44
N VAL B 154 17.14 8.56 -11.03
CA VAL B 154 16.45 7.33 -11.39
C VAL B 154 15.22 7.21 -10.50
N HIS B 155 14.04 7.13 -11.12
CA HIS B 155 12.83 7.20 -10.32
C HIS B 155 11.68 6.41 -10.95
N CYS B 156 10.69 6.18 -10.10
CA CYS B 156 9.32 5.76 -10.41
C CYS B 156 8.40 6.86 -9.94
N ASP B 157 7.61 7.47 -10.81
CA ASP B 157 6.88 8.73 -10.46
C ASP B 157 6.06 8.69 -9.17
N HIS B 158 5.56 7.53 -8.79
CA HIS B 158 4.65 7.49 -7.65
C HIS B 158 4.92 6.26 -6.81
N THR B 159 4.91 6.43 -5.49
CA THR B 159 4.76 5.29 -4.60
C THR B 159 3.29 4.84 -4.65
N PRO B 160 2.99 3.65 -4.10
CA PRO B 160 1.58 3.25 -4.00
C PRO B 160 0.72 4.26 -3.24
N ALA B 161 1.20 4.83 -2.12
CA ALA B 161 0.40 5.85 -1.44
C ALA B 161 0.14 7.05 -2.33
N ALA B 162 1.15 7.48 -3.09
CA ALA B 162 0.98 8.62 -3.98
C ALA B 162 -0.06 8.33 -5.05
N ALA B 163 -0.03 7.10 -5.58
CA ALA B 163 -0.96 6.72 -6.64
C ALA B 163 -2.39 6.75 -6.13
N ILE B 164 -2.62 6.22 -4.93
CA ILE B 164 -3.97 6.22 -4.38
C ILE B 164 -4.40 7.65 -4.05
N GLU B 165 -3.49 8.45 -3.52
CA GLU B 165 -3.83 9.85 -3.22
C GLU B 165 -4.23 10.59 -4.48
N LEU B 166 -3.51 10.35 -5.58
CA LEU B 166 -3.86 11.01 -6.84
C LEU B 166 -5.23 10.57 -7.33
N THR B 167 -5.62 9.33 -7.08
CA THR B 167 -6.96 8.89 -7.47
C THR B 167 -8.04 9.66 -6.73
N HIS B 168 -7.85 9.89 -5.44
CA HIS B 168 -8.84 10.67 -4.69
C HIS B 168 -8.83 12.12 -5.14
N LYS B 169 -7.64 12.67 -5.39
CA LYS B 169 -7.53 14.05 -5.82
C LYS B 169 -8.21 14.25 -7.18
N LEU B 170 -7.96 13.35 -8.12
CA LEU B 170 -8.37 13.55 -9.51
C LEU B 170 -9.76 13.01 -9.82
N CYS B 171 -10.19 11.98 -9.12
CA CYS B 171 -11.43 11.30 -9.44
C CYS B 171 -12.53 11.61 -8.42
N GLY B 172 -12.20 12.29 -7.33
CA GLY B 172 -13.23 12.76 -6.41
C GLY B 172 -14.06 11.63 -5.81
N GLU B 173 -15.40 11.82 -5.80
CA GLU B 173 -16.26 10.81 -5.18
C GLU B 173 -16.31 9.52 -5.97
N ASP B 174 -15.78 9.52 -7.18
CA ASP B 174 -15.83 8.35 -8.03
C ASP B 174 -14.65 7.42 -7.74
N ALA B 175 -13.76 7.80 -6.81
CA ALA B 175 -12.49 7.11 -6.64
C ALA B 175 -12.68 5.69 -6.08
N VAL B 176 -13.57 5.51 -5.09
CA VAL B 176 -13.76 4.16 -4.53
C VAL B 176 -14.35 3.21 -5.57
N ARG B 177 -15.35 3.68 -6.33
CA ARG B 177 -15.90 2.85 -7.41
C ARG B 177 -14.81 2.47 -8.41
N LEU B 178 -14.00 3.45 -8.83
CA LEU B 178 -12.94 3.16 -9.80
C LEU B 178 -11.93 2.17 -9.25
N LEU B 179 -11.61 2.29 -7.96
CA LEU B 179 -10.66 1.38 -7.34
C LEU B 179 -11.20 -0.04 -7.15
N GLN B 180 -12.47 -0.29 -7.46
CA GLN B 180 -12.93 -1.67 -7.60
C GLN B 180 -12.37 -2.35 -8.84
N SER B 181 -11.86 -1.59 -9.80
CA SER B 181 -11.26 -2.13 -11.01
C SER B 181 -9.74 -2.17 -10.85
N ARG B 182 -9.09 -2.87 -11.76
CA ARG B 182 -7.62 -2.80 -11.84
C ARG B 182 -7.19 -1.34 -11.97
N PHE B 183 -6.15 -0.97 -11.24
CA PHE B 183 -5.65 0.40 -11.20
C PHE B 183 -4.17 0.39 -11.60
N ARG B 184 -3.84 1.17 -12.62
CA ARG B 184 -2.46 1.35 -13.05
C ARG B 184 -2.17 2.83 -13.25
N ALA B 185 -0.89 3.18 -13.12
CA ALA B 185 -0.44 4.55 -13.37
C ALA B 185 0.74 4.49 -14.31
N PHE B 186 0.68 5.28 -15.40
CA PHE B 186 1.72 5.23 -16.43
C PHE B 186 2.34 6.60 -16.62
N SER B 187 3.59 6.62 -17.04
CA SER B 187 4.16 7.76 -17.77
C SER B 187 4.11 7.43 -19.26
N VAL B 188 3.63 8.37 -20.06
CA VAL B 188 3.51 8.20 -21.51
C VAL B 188 4.43 9.26 -22.12
N TRP B 189 5.49 8.82 -22.80
CA TRP B 189 6.59 9.69 -23.20
C TRP B 189 6.77 9.65 -24.71
N ARG B 190 7.01 10.81 -25.32
CA ARG B 190 7.11 10.91 -26.77
C ARG B 190 8.08 12.01 -27.17
N PRO B 191 9.06 11.71 -28.04
CA PRO B 191 9.95 12.78 -28.53
C PRO B 191 9.17 13.78 -29.36
N LEU B 192 9.57 15.04 -29.26
CA LEU B 192 9.01 16.10 -30.09
C LEU B 192 9.94 16.50 -31.21
N VAL B 193 11.21 16.13 -31.11
CA VAL B 193 12.19 16.28 -32.18
C VAL B 193 12.77 14.89 -32.43
N GLU B 194 12.94 14.53 -33.70
CA GLU B 194 13.38 13.18 -34.02
C GLU B 194 14.57 13.22 -34.97
N PRO B 195 15.44 12.20 -34.93
CA PRO B 195 15.43 11.15 -33.91
C PRO B 195 16.07 11.69 -32.63
N VAL B 196 15.76 11.07 -31.49
CA VAL B 196 16.47 11.41 -30.27
C VAL B 196 17.92 10.98 -30.43
N LEU B 197 18.86 11.88 -30.14
CA LEU B 197 20.27 11.56 -30.27
C LEU B 197 21.05 11.69 -28.97
N ASP B 198 20.45 12.24 -27.93
CA ASP B 198 21.11 12.37 -26.64
C ASP B 198 20.02 12.46 -25.59
N TRP B 199 20.40 12.25 -24.33
CA TRP B 199 19.45 12.15 -23.22
C TRP B 199 18.24 11.27 -23.56
N PRO B 200 18.43 10.06 -24.05
CA PRO B 200 17.28 9.18 -24.28
C PRO B 200 16.68 8.74 -22.97
N LEU B 201 15.43 8.31 -23.03
CA LEU B 201 14.76 7.81 -21.83
C LEU B 201 15.12 6.35 -21.60
N ALA B 202 15.76 6.06 -20.48
CA ALA B 202 16.09 4.68 -20.18
C ALA B 202 15.02 4.07 -19.26
N VAL B 203 14.82 2.77 -19.40
CA VAL B 203 13.82 2.05 -18.63
C VAL B 203 14.44 0.73 -18.18
N VAL B 204 13.98 0.25 -17.02
CA VAL B 204 14.50 -0.98 -16.43
C VAL B 204 13.44 -2.07 -16.47
N ASP B 205 13.88 -3.30 -16.68
CA ASP B 205 13.03 -4.48 -16.58
C ASP B 205 12.55 -4.56 -15.15
N GLY B 206 11.24 -4.37 -14.94
CA GLY B 206 10.73 -4.34 -13.58
C GLY B 206 10.95 -5.61 -12.78
N ARG B 207 11.25 -6.73 -13.45
CA ARG B 207 11.55 -7.95 -12.72
C ARG B 207 12.92 -7.92 -12.07
N THR B 208 13.78 -6.98 -12.45
CA THR B 208 15.11 -6.89 -11.89
C THR B 208 15.25 -5.77 -10.86
N ILE B 209 14.15 -5.14 -10.45
CA ILE B 209 14.13 -4.22 -9.32
C ILE B 209 13.86 -5.03 -8.05
N ALA B 210 14.78 -4.94 -7.03
CA ALA B 210 14.52 -5.53 -5.72
C ALA B 210 13.79 -4.54 -4.82
N PRO B 211 13.02 -5.04 -3.83
CA PRO B 211 12.29 -4.12 -2.95
C PRO B 211 13.18 -3.06 -2.32
N ASP B 212 14.35 -3.45 -1.86
CA ASP B 212 15.20 -2.47 -1.19
C ASP B 212 15.99 -1.60 -2.16
N ASP B 213 15.76 -1.75 -3.48
CA ASP B 213 16.20 -0.72 -4.42
C ASP B 213 15.31 0.52 -4.37
N LEU B 214 14.10 0.41 -3.81
CA LEU B 214 13.10 1.47 -3.85
C LEU B 214 13.15 2.34 -2.60
N HIS B 215 13.17 3.66 -2.77
CA HIS B 215 13.17 4.58 -1.63
C HIS B 215 12.20 5.74 -1.84
N PRO B 216 11.08 5.77 -1.12
CA PRO B 216 10.21 6.96 -1.18
C PRO B 216 11.01 8.18 -0.72
N VAL B 217 10.88 9.27 -1.46
CA VAL B 217 11.57 10.52 -1.16
C VAL B 217 10.56 11.65 -1.25
N HIS B 218 10.39 12.39 -0.17
CA HIS B 218 9.49 13.53 -0.15
C HIS B 218 10.25 14.74 -0.70
N TRP B 219 9.83 15.23 -1.86
CA TRP B 219 10.36 16.43 -2.49
C TRP B 219 9.62 17.64 -1.91
N LEU B 220 10.30 18.40 -1.06
CA LEU B 220 9.69 19.48 -0.31
C LEU B 220 9.90 20.78 -1.06
N ARG B 221 8.80 21.43 -1.40
CA ARG B 221 8.87 22.74 -2.06
C ARG B 221 8.33 23.74 -1.04
N TYR B 222 9.20 24.62 -0.54
CA TYR B 222 8.81 25.55 0.53
C TYR B 222 8.36 24.70 1.72
N GLU B 223 7.21 24.95 2.33
CA GLU B 223 6.88 24.31 3.60
C GLU B 223 5.86 23.19 3.51
N LYS B 224 5.42 22.84 2.30
CA LYS B 224 4.32 21.91 2.13
C LYS B 224 4.84 20.48 2.26
N LYS B 225 4.05 19.61 2.89
CA LYS B 225 4.39 18.19 2.92
C LYS B 225 4.11 17.57 1.55
N ASP B 226 5.02 16.72 1.09
CA ASP B 226 4.84 16.02 -0.19
C ASP B 226 3.93 14.82 0.04
N THR B 227 2.65 14.94 -0.32
CA THR B 227 1.77 13.79 -0.18
C THR B 227 1.69 12.96 -1.45
N GLU B 228 2.53 13.25 -2.44
CA GLU B 228 2.60 12.43 -3.65
C GLU B 228 4.05 12.11 -3.98
N PRO B 229 4.75 11.41 -3.08
CA PRO B 229 6.19 11.20 -3.28
C PRO B 229 6.44 10.21 -4.40
N PRO B 230 7.57 10.35 -5.10
CA PRO B 230 8.05 9.28 -6.00
C PRO B 230 8.88 8.26 -5.24
N PHE B 231 9.18 7.16 -5.93
CA PHE B 231 10.31 6.33 -5.54
C PHE B 231 11.58 6.89 -6.17
N GLN B 232 12.67 6.95 -5.41
CA GLN B 232 14.00 7.10 -6.00
C GLN B 232 14.74 5.78 -5.84
N LEU B 233 15.46 5.36 -6.86
CA LEU B 233 16.12 4.05 -6.84
C LEU B 233 17.59 4.16 -6.41
N SER B 234 18.05 3.14 -5.67
CA SER B 234 19.47 2.87 -5.53
C SER B 234 19.91 1.87 -6.59
N PHE B 235 21.20 1.85 -6.88
CA PHE B 235 21.72 1.05 -7.97
C PHE B 235 21.88 -0.42 -7.56
N SER B 236 21.69 -1.31 -8.52
CA SER B 236 22.04 -2.71 -8.35
C SER B 236 22.60 -3.26 -9.66
N GLU B 237 23.63 -4.12 -9.56
CA GLU B 237 24.12 -4.77 -10.78
C GLU B 237 23.08 -5.69 -11.40
N THR B 238 22.08 -6.11 -10.62
CA THR B 238 21.05 -7.01 -11.12
C THR B 238 20.10 -6.30 -12.09
N GLN B 239 19.94 -4.99 -11.93
CA GLN B 239 19.01 -4.24 -12.77
C GLN B 239 19.42 -4.33 -14.24
N LYS B 240 18.43 -4.58 -15.09
CA LYS B 240 18.64 -4.76 -16.52
C LYS B 240 18.03 -3.54 -17.22
N TRP B 241 18.89 -2.63 -17.71
CA TRP B 241 18.46 -1.34 -18.23
C TRP B 241 18.40 -1.36 -19.76
N TYR B 242 17.38 -0.72 -20.31
CA TYR B 242 17.20 -0.63 -21.75
C TYR B 242 17.06 0.82 -22.17
N TYR B 243 17.29 1.05 -23.46
CA TYR B 243 16.84 2.26 -24.12
C TYR B 243 16.51 1.93 -25.57
N LEU B 244 15.81 2.86 -26.22
CA LEU B 244 15.40 2.66 -27.61
C LEU B 244 16.23 3.65 -28.42
N SER B 245 17.19 3.17 -29.21
CA SER B 245 18.09 4.10 -29.89
C SER B 245 17.35 4.89 -30.97
N ARG B 246 17.74 6.17 -31.13
CA ARG B 246 17.21 7.04 -32.16
C ARG B 246 15.68 7.03 -32.20
N GLN B 247 15.07 7.28 -31.06
CA GLN B 247 13.61 7.17 -30.97
C GLN B 247 12.95 8.28 -31.80
N ARG B 248 11.83 7.96 -32.45
CA ARG B 248 11.22 8.86 -33.40
C ARG B 248 9.99 9.47 -32.75
N SER B 249 9.43 10.51 -33.37
CA SER B 249 8.27 11.17 -32.79
C SER B 249 7.00 10.34 -32.87
N ASP B 250 6.99 9.27 -33.67
CA ASP B 250 5.85 8.37 -33.72
C ASP B 250 6.11 7.07 -32.96
N GLU B 251 7.06 7.08 -32.02
CA GLU B 251 7.35 5.92 -31.17
C GLU B 251 7.15 6.38 -29.73
N VAL B 252 6.16 5.80 -29.04
CA VAL B 252 5.78 6.24 -27.71
C VAL B 252 6.29 5.20 -26.71
N SER B 253 6.88 5.67 -25.62
CA SER B 253 7.25 4.82 -24.49
C SER B 253 6.18 4.94 -23.41
N ILE B 254 5.65 3.80 -22.97
CA ILE B 254 4.69 3.73 -21.88
C ILE B 254 5.41 3.04 -20.74
N VAL B 255 5.57 3.74 -19.62
CA VAL B 255 6.36 3.22 -18.52
C VAL B 255 5.44 3.13 -17.31
N LYS B 256 5.40 1.95 -16.67
CA LYS B 256 4.43 1.73 -15.61
C LYS B 256 4.96 2.19 -14.26
N ASN B 257 4.22 3.08 -13.60
CA ASN B 257 4.58 3.53 -12.26
C ASN B 257 3.89 2.75 -11.16
N TYR B 258 2.73 2.17 -11.43
CA TYR B 258 1.99 1.42 -10.41
C TYR B 258 1.04 0.42 -11.09
N ASP B 259 0.74 -0.67 -10.39
CA ASP B 259 -0.18 -1.72 -10.87
C ASP B 259 -0.77 -2.43 -9.64
N SER B 260 -2.09 -2.45 -9.56
CA SER B 260 -2.83 -3.20 -8.50
C SER B 260 -2.71 -4.72 -8.71
N GLU B 261 -2.53 -5.17 -9.94
CA GLU B 261 -2.42 -6.61 -10.27
C GLU B 261 -1.07 -7.22 -9.91
N VAL B 262 -1.08 -8.46 -9.44
CA VAL B 262 0.17 -9.19 -9.16
C VAL B 262 0.69 -9.74 -10.49
N VAL B 263 1.65 -9.06 -11.09
CA VAL B 263 2.21 -9.42 -12.39
C VAL B 263 3.73 -9.36 -12.25
N PRO B 264 4.50 -9.89 -13.21
CA PRO B 264 5.97 -9.93 -13.02
C PRO B 264 6.60 -8.59 -12.69
N SER B 265 6.17 -7.51 -13.35
CA SER B 265 6.70 -6.18 -13.08
C SER B 265 5.61 -5.34 -12.42
N PRO B 266 5.62 -5.14 -11.11
CA PRO B 266 4.70 -4.17 -10.50
C PRO B 266 4.92 -2.75 -11.02
N ARG B 267 6.08 -2.47 -11.58
CA ARG B 267 6.47 -1.12 -11.98
C ARG B 267 7.77 -1.26 -12.74
N SER B 268 8.07 -0.24 -13.54
CA SER B 268 9.43 -0.07 -14.05
C SER B 268 9.99 1.15 -13.34
N ALA B 269 11.11 1.66 -13.86
CA ALA B 269 11.74 2.86 -13.33
C ALA B 269 12.52 3.47 -14.47
N HIS B 270 12.82 4.77 -14.36
CA HIS B 270 13.29 5.43 -15.57
C HIS B 270 14.09 6.68 -15.24
N CYS B 271 14.80 7.16 -16.26
CA CYS B 271 15.73 8.28 -16.12
C CYS B 271 16.31 8.52 -17.51
N ALA B 272 17.02 9.62 -17.68
CA ALA B 272 17.70 9.88 -18.94
C ALA B 272 19.20 9.80 -18.70
N PHE B 273 19.96 9.57 -19.78
CA PHE B 273 21.42 9.53 -19.62
C PHE B 273 22.12 10.21 -20.79
N LYS B 274 23.35 10.67 -20.52
CA LYS B 274 24.19 11.26 -21.54
C LYS B 274 24.74 10.17 -22.44
N HIS B 275 24.39 10.21 -23.73
CA HIS B 275 24.82 9.13 -24.62
C HIS B 275 26.28 9.34 -25.01
N PRO B 276 27.10 8.29 -25.02
CA PRO B 276 28.52 8.48 -25.33
C PRO B 276 28.81 8.73 -26.80
N PHE B 277 27.84 8.54 -27.70
CA PHE B 277 28.13 8.60 -29.13
C PHE B 277 27.08 9.49 -29.79
N VAL B 278 27.18 10.79 -29.53
CA VAL B 278 26.21 11.77 -30.01
C VAL B 278 26.80 12.50 -31.21
N PRO B 279 26.15 12.49 -32.37
CA PRO B 279 26.61 13.29 -33.51
C PRO B 279 26.87 14.73 -33.08
N LYS B 280 27.95 15.32 -33.58
CA LYS B 280 28.33 16.65 -33.10
C LYS B 280 27.33 17.73 -33.48
N ASP B 281 26.44 17.51 -34.44
CA ASP B 281 25.47 18.52 -34.81
C ASP B 281 24.05 18.18 -34.36
N ALA B 282 23.91 17.25 -33.42
CA ALA B 282 22.59 16.96 -32.84
C ALA B 282 21.97 18.21 -32.22
N PRO B 283 20.68 18.45 -32.44
CA PRO B 283 19.99 19.52 -31.72
C PRO B 283 19.55 19.02 -30.35
N PRO B 284 19.07 19.90 -29.47
CA PRO B 284 18.74 19.45 -28.10
C PRO B 284 17.58 18.47 -28.11
N ARG B 285 17.62 17.48 -27.21
CA ARG B 285 16.43 16.65 -26.99
C ARG B 285 15.21 17.42 -26.55
N GLU B 286 14.06 17.04 -27.13
CA GLU B 286 12.78 17.63 -26.83
C GLU B 286 11.75 16.52 -26.74
N SER B 287 10.87 16.58 -25.75
CA SER B 287 9.91 15.52 -25.53
C SER B 287 8.75 16.04 -24.70
N ILE B 288 7.64 15.29 -24.69
CA ILE B 288 6.54 15.52 -23.76
C ILE B 288 6.20 14.19 -23.10
N ASP B 289 5.98 14.27 -21.79
CA ASP B 289 5.46 13.12 -21.04
C ASP B 289 4.21 13.54 -20.26
N VAL B 290 3.26 12.63 -20.14
CA VAL B 290 2.00 12.86 -19.39
C VAL B 290 1.81 11.65 -18.47
N ARG B 291 1.34 11.87 -17.25
CA ARG B 291 1.01 10.75 -16.37
C ARG B 291 -0.46 10.38 -16.64
N CYS B 292 -0.83 9.12 -16.47
CA CYS B 292 -2.19 8.65 -16.74
C CYS B 292 -2.64 7.72 -15.61
N LEU B 293 -3.80 7.97 -14.98
CA LEU B 293 -4.37 6.97 -14.06
C LEU B 293 -5.17 6.09 -15.04
N VAL B 294 -5.19 4.78 -14.83
CA VAL B 294 -5.74 3.85 -15.81
C VAL B 294 -6.55 2.80 -15.05
N PHE B 295 -7.85 2.68 -15.36
CA PHE B 295 -8.72 1.76 -14.64
C PHE B 295 -9.29 0.72 -15.58
N GLY B 296 -9.19 -0.56 -15.17
CA GLY B 296 -9.69 -1.65 -15.99
C GLY B 296 -8.66 -2.15 -16.98
N GLY B 297 -9.13 -2.98 -17.91
CA GLY B 297 -8.26 -3.44 -18.96
C GLY B 297 -7.31 -4.54 -18.49
N ARG B 298 -6.33 -4.83 -19.34
CA ARG B 298 -5.33 -5.87 -19.03
C ARG B 298 -3.89 -5.45 -19.36
#